data_5T0Z
#
_entry.id   5T0Z
#
_cell.length_a   59.931
_cell.length_b   78.298
_cell.length_c   85.136
_cell.angle_alpha   90.00
_cell.angle_beta   105.86
_cell.angle_gamma   90.00
#
_symmetry.space_group_name_H-M   'P 1 21 1'
#
loop_
_entity.id
_entity.type
_entity.pdbx_description
1 polymer 'Lipoprotein, putative'
2 water water
#
_entity_poly.entity_id   1
_entity_poly.type   'polypeptide(L)'
_entity_poly.pdbx_seq_one_letter_code
;MGSSHHHHHHSSGLVPRGSHMVTLRQGGGTVSFTDSWALLPFINNTETPYAAERAEAVTAALLHTHGMQKLERTVTETAK
GDDHLGLDRGELKQKAALEAAKQKKVRYAIAGTVNEWRYKVGLDGEPVAGFTLQVIELPEEKVVWSGVAGKSGWSRDAVS
AVAQQVLDSLIGDLEKAAATNTK
;
_entity_poly.pdbx_strand_id   A,B,C,D
#
# COMPACT_ATOMS: atom_id res chain seq x y z
N SER A 12 12.19 12.29 -19.20
CA SER A 12 11.82 11.41 -18.10
C SER A 12 10.34 11.49 -17.79
N GLY A 13 10.07 11.77 -16.51
CA GLY A 13 8.78 11.57 -15.92
C GLY A 13 8.88 10.26 -15.15
N LEU A 14 8.60 10.29 -13.85
CA LEU A 14 8.59 9.07 -13.06
C LEU A 14 7.14 8.67 -12.84
N VAL A 15 6.76 7.55 -13.45
CA VAL A 15 5.40 7.04 -13.39
C VAL A 15 5.42 5.60 -12.91
N PRO A 16 5.56 5.37 -11.61
CA PRO A 16 5.49 4.01 -11.09
C PRO A 16 4.10 3.40 -11.26
N ARG A 17 4.09 2.06 -11.34
CA ARG A 17 2.88 1.26 -11.35
C ARG A 17 2.78 0.52 -10.03
N GLY A 18 1.56 0.19 -9.62
CA GLY A 18 1.38 -0.32 -8.27
C GLY A 18 0.08 -1.04 -8.05
N SER A 19 0.06 -1.83 -6.99
CA SER A 19 -1.13 -2.57 -6.62
C SER A 19 -1.13 -2.78 -5.13
N HIS A 20 -2.32 -2.71 -4.54
CA HIS A 20 -2.48 -2.82 -3.11
C HIS A 20 -3.75 -3.61 -2.84
N MET A 21 -3.74 -4.39 -1.78
CA MET A 21 -4.91 -5.14 -1.36
C MET A 21 -4.83 -5.28 0.15
N VAL A 22 -5.98 -5.06 0.80
CA VAL A 22 -6.14 -5.27 2.22
C VAL A 22 -7.45 -6.02 2.41
N THR A 23 -7.41 -7.09 3.18
CA THR A 23 -8.62 -7.85 3.47
C THR A 23 -8.64 -8.20 4.95
N LEU A 24 -9.85 -8.48 5.42
CA LEU A 24 -10.08 -8.69 6.83
C LEU A 24 -11.23 -9.68 7.01
N ARG A 25 -11.01 -10.65 7.88
CA ARG A 25 -11.98 -11.69 8.15
C ARG A 25 -12.49 -11.48 9.57
N GLN A 26 -13.80 -11.54 9.73
CA GLN A 26 -14.44 -11.47 11.04
C GLN A 26 -15.48 -12.58 11.13
N GLY A 27 -16.03 -12.74 12.32
CA GLY A 27 -17.04 -13.76 12.53
C GLY A 27 -16.44 -15.02 13.10
N GLY A 28 -17.19 -16.11 12.94
CA GLY A 28 -16.79 -17.38 13.52
C GLY A 28 -16.17 -18.32 12.51
N GLY A 29 -16.71 -19.54 12.46
CA GLY A 29 -16.17 -20.58 11.62
C GLY A 29 -16.32 -20.28 10.13
N THR A 30 -15.97 -21.29 9.34
CA THR A 30 -15.81 -21.12 7.90
C THR A 30 -17.10 -20.67 7.23
N VAL A 31 -16.94 -19.94 6.12
CA VAL A 31 -18.02 -19.66 5.18
C VAL A 31 -17.80 -20.55 3.96
N SER A 32 -18.88 -21.16 3.48
CA SER A 32 -18.80 -22.23 2.49
C SER A 32 -19.20 -21.71 1.12
N PHE A 33 -18.36 -21.98 0.11
CA PHE A 33 -18.71 -21.65 -1.26
C PHE A 33 -19.79 -22.57 -1.82
N THR A 34 -20.10 -23.68 -1.14
CA THR A 34 -21.19 -24.54 -1.53
C THR A 34 -22.52 -24.11 -0.92
N ASP A 35 -22.50 -23.14 -0.02
CA ASP A 35 -23.71 -22.57 0.56
C ASP A 35 -24.41 -21.75 -0.52
N SER A 36 -25.44 -21.01 -0.13
CA SER A 36 -26.22 -20.21 -1.07
C SER A 36 -25.70 -18.77 -1.06
N TRP A 37 -25.35 -18.26 -2.23
CA TRP A 37 -24.73 -16.96 -2.36
C TRP A 37 -25.53 -16.08 -3.32
N ALA A 38 -25.46 -14.77 -3.08
CA ALA A 38 -25.93 -13.79 -4.04
C ALA A 38 -24.80 -12.81 -4.35
N LEU A 39 -24.73 -12.40 -5.62
CA LEU A 39 -23.86 -11.30 -6.07
C LEU A 39 -24.76 -10.11 -6.38
N LEU A 40 -24.72 -9.09 -5.53
CA LEU A 40 -25.53 -7.90 -5.72
C LEU A 40 -25.01 -7.07 -6.90
N PRO A 41 -25.82 -6.16 -7.43
CA PRO A 41 -25.27 -5.12 -8.31
C PRO A 41 -24.19 -4.34 -7.60
N PHE A 42 -23.19 -3.94 -8.37
CA PHE A 42 -22.10 -3.09 -7.89
C PHE A 42 -22.57 -1.65 -7.83
N ILE A 43 -22.01 -0.89 -6.89
CA ILE A 43 -22.14 0.56 -6.89
C ILE A 43 -21.00 1.13 -7.73
N ASN A 44 -21.33 2.10 -8.58
CA ASN A 44 -20.33 2.68 -9.49
C ASN A 44 -19.87 4.02 -8.93
N ASN A 45 -18.68 4.04 -8.35
CA ASN A 45 -18.06 5.27 -7.89
C ASN A 45 -17.01 5.80 -8.85
N THR A 46 -17.21 5.66 -10.15
CA THR A 46 -16.29 6.22 -11.14
C THR A 46 -17.05 7.14 -12.09
N GLU A 47 -16.30 7.79 -12.97
CA GLU A 47 -16.89 8.55 -14.06
C GLU A 47 -17.08 7.69 -15.30
N THR A 48 -16.84 6.39 -15.20
CA THR A 48 -16.91 5.49 -16.34
C THR A 48 -18.28 4.84 -16.39
N PRO A 49 -19.11 5.15 -17.37
CA PRO A 49 -20.44 4.53 -17.44
C PRO A 49 -20.32 3.03 -17.66
N TYR A 50 -21.17 2.28 -16.97
CA TYR A 50 -21.25 0.82 -17.06
C TYR A 50 -20.08 0.10 -16.38
N ALA A 51 -19.36 0.78 -15.49
CA ALA A 51 -18.29 0.10 -14.79
C ALA A 51 -18.86 -0.90 -13.79
N ALA A 52 -19.99 -0.55 -13.16
CA ALA A 52 -20.62 -1.48 -12.22
C ALA A 52 -21.02 -2.77 -12.91
N GLU A 53 -21.64 -2.67 -14.09
CA GLU A 53 -22.12 -3.84 -14.80
C GLU A 53 -20.97 -4.73 -15.28
N ARG A 54 -19.89 -4.12 -15.77
CA ARG A 54 -18.74 -4.92 -16.18
C ARG A 54 -18.03 -5.54 -14.99
N ALA A 55 -17.93 -4.79 -13.89
CA ALA A 55 -17.34 -5.36 -12.68
C ALA A 55 -18.15 -6.56 -12.21
N GLU A 56 -19.49 -6.47 -12.27
CA GLU A 56 -20.35 -7.56 -11.83
C GLU A 56 -20.20 -8.79 -12.72
N ALA A 57 -20.11 -8.59 -14.03
CA ALA A 57 -19.95 -9.73 -14.95
C ALA A 57 -18.62 -10.42 -14.71
N VAL A 58 -17.54 -9.65 -14.58
CA VAL A 58 -16.23 -10.25 -14.33
C VAL A 58 -16.24 -10.99 -13.00
N THR A 59 -16.85 -10.40 -11.98
CA THR A 59 -16.89 -11.02 -10.66
C THR A 59 -17.68 -12.32 -10.69
N ALA A 60 -18.82 -12.35 -11.38
CA ALA A 60 -19.62 -13.56 -11.45
C ALA A 60 -18.85 -14.70 -12.09
N ALA A 61 -18.17 -14.40 -13.20
CA ALA A 61 -17.38 -15.43 -13.89
C ALA A 61 -16.23 -15.92 -13.01
N LEU A 62 -15.60 -15.03 -12.25
CA LEU A 62 -14.53 -15.46 -11.36
C LEU A 62 -15.08 -16.32 -10.22
N LEU A 63 -16.28 -16.02 -9.73
CA LEU A 63 -16.83 -16.82 -8.64
C LEU A 63 -17.19 -18.23 -9.12
N HIS A 64 -17.79 -18.32 -10.30
CA HIS A 64 -18.04 -19.64 -10.88
C HIS A 64 -16.74 -20.41 -11.04
N THR A 65 -15.75 -19.79 -11.66
CA THR A 65 -14.44 -20.43 -11.81
C THR A 65 -13.93 -20.94 -10.47
N HIS A 66 -13.91 -20.07 -9.46
CA HIS A 66 -13.53 -20.51 -8.12
C HIS A 66 -14.58 -21.50 -7.47
N GLY A 67 -15.59 -22.03 -8.16
CA GLY A 67 -16.39 -23.10 -7.59
C GLY A 67 -17.64 -22.70 -6.84
N MET A 68 -18.11 -21.47 -7.01
CA MET A 68 -19.34 -20.99 -6.38
C MET A 68 -20.46 -21.12 -7.42
N GLN A 69 -21.13 -22.27 -7.41
CA GLN A 69 -22.09 -22.60 -8.48
C GLN A 69 -23.46 -21.96 -8.24
N LYS A 70 -23.97 -22.04 -7.01
CA LYS A 70 -25.29 -21.51 -6.68
C LYS A 70 -25.13 -20.03 -6.32
N LEU A 71 -25.21 -19.18 -7.36
CA LEU A 71 -25.00 -17.74 -7.22
C LEU A 71 -26.22 -17.01 -7.76
N GLU A 72 -27.03 -16.45 -6.87
CA GLU A 72 -28.11 -15.58 -7.29
C GLU A 72 -27.56 -14.27 -7.84
N ARG A 73 -28.12 -13.84 -8.98
CA ARG A 73 -27.69 -12.63 -9.66
C ARG A 73 -28.90 -11.79 -10.04
N THR A 74 -28.66 -10.53 -10.32
CA THR A 74 -29.71 -9.57 -10.68
C THR A 74 -29.48 -9.12 -12.11
N VAL A 75 -30.45 -9.39 -12.98
CA VAL A 75 -30.33 -8.99 -14.37
C VAL A 75 -30.16 -7.47 -14.49
N THR A 76 -29.44 -7.04 -15.52
CA THR A 76 -29.05 -5.65 -15.67
C THR A 76 -30.26 -4.72 -15.74
N GLU A 77 -29.98 -3.42 -15.57
CA GLU A 77 -31.00 -2.38 -15.47
C GLU A 77 -31.91 -2.59 -14.26
N ASP A 88 -26.48 7.35 -12.62
CA ASP A 88 -27.03 6.46 -11.60
C ASP A 88 -25.95 5.51 -11.07
N ARG A 89 -25.60 5.65 -9.80
CA ARG A 89 -24.47 4.91 -9.26
C ARG A 89 -24.88 3.58 -8.65
N GLY A 90 -26.17 3.33 -8.50
CA GLY A 90 -26.63 2.01 -8.15
C GLY A 90 -26.86 1.74 -6.69
N GLU A 91 -26.78 2.75 -5.83
CA GLU A 91 -27.04 2.52 -4.40
C GLU A 91 -28.40 1.87 -4.18
N LEU A 92 -29.45 2.42 -4.82
CA LEU A 92 -30.78 1.87 -4.57
C LEU A 92 -30.91 0.46 -5.13
N LYS A 93 -30.40 0.20 -6.33
CA LYS A 93 -30.42 -1.16 -6.86
C LYS A 93 -29.74 -2.13 -5.91
N GLN A 94 -28.62 -1.74 -5.31
CA GLN A 94 -27.91 -2.68 -4.45
C GLN A 94 -28.69 -2.94 -3.17
N LYS A 95 -29.26 -1.89 -2.55
CA LYS A 95 -30.12 -2.10 -1.39
C LYS A 95 -31.29 -3.01 -1.72
N ALA A 96 -31.94 -2.78 -2.86
CA ALA A 96 -33.09 -3.62 -3.19
C ALA A 96 -32.65 -5.06 -3.46
N ALA A 97 -31.48 -5.25 -4.09
CA ALA A 97 -31.00 -6.61 -4.32
C ALA A 97 -30.66 -7.31 -3.02
N LEU A 98 -30.12 -6.58 -2.04
CA LEU A 98 -29.90 -7.18 -0.72
C LEU A 98 -31.21 -7.68 -0.12
N GLU A 99 -32.28 -6.87 -0.21
CA GLU A 99 -33.60 -7.31 0.26
C GLU A 99 -34.10 -8.52 -0.52
N ALA A 100 -33.87 -8.55 -1.82
CA ALA A 100 -34.26 -9.72 -2.61
C ALA A 100 -33.49 -10.97 -2.18
N ALA A 101 -32.21 -10.80 -1.82
CA ALA A 101 -31.44 -11.95 -1.37
C ALA A 101 -31.95 -12.46 -0.02
N LYS A 102 -32.34 -11.54 0.87
CA LYS A 102 -33.01 -11.95 2.11
C LYS A 102 -34.22 -12.81 1.83
N GLN A 103 -35.09 -12.37 0.92
CA GLN A 103 -36.31 -13.12 0.61
C GLN A 103 -35.98 -14.46 -0.03
N LYS A 104 -34.90 -14.53 -0.81
CA LYS A 104 -34.50 -15.80 -1.41
C LYS A 104 -33.78 -16.72 -0.42
N LYS A 105 -33.58 -16.27 0.83
CA LYS A 105 -32.95 -17.06 1.89
C LYS A 105 -31.50 -17.41 1.58
N VAL A 106 -30.78 -16.55 0.84
CA VAL A 106 -29.37 -16.82 0.64
C VAL A 106 -28.61 -16.61 1.95
N ARG A 107 -27.51 -17.34 2.11
CA ARG A 107 -26.70 -17.24 3.31
C ARG A 107 -25.73 -16.05 3.25
N TYR A 108 -25.11 -15.80 2.11
CA TYR A 108 -24.12 -14.73 1.97
C TYR A 108 -24.39 -13.88 0.75
N ALA A 109 -24.29 -12.56 0.92
CA ALA A 109 -24.38 -11.63 -0.20
C ALA A 109 -23.05 -10.90 -0.38
N ILE A 110 -22.66 -10.71 -1.63
CA ILE A 110 -21.48 -9.93 -1.97
C ILE A 110 -21.92 -8.56 -2.42
N ALA A 111 -21.49 -7.54 -1.69
CA ALA A 111 -21.79 -6.15 -2.01
C ALA A 111 -20.50 -5.47 -2.46
N GLY A 112 -20.46 -5.05 -3.71
CA GLY A 112 -19.26 -4.48 -4.29
C GLY A 112 -19.45 -3.05 -4.74
N THR A 113 -18.37 -2.28 -4.67
CA THR A 113 -18.28 -0.92 -5.17
C THR A 113 -17.08 -0.83 -6.11
N VAL A 114 -17.27 -0.24 -7.29
CA VAL A 114 -16.16 0.09 -8.17
C VAL A 114 -15.57 1.42 -7.70
N ASN A 115 -14.34 1.40 -7.22
CA ASN A 115 -13.68 2.63 -6.83
C ASN A 115 -12.96 3.29 -7.98
N GLU A 116 -12.45 2.51 -8.94
CA GLU A 116 -11.79 3.10 -10.09
C GLU A 116 -11.90 2.17 -11.28
N TRP A 117 -12.04 2.76 -12.47
CA TRP A 117 -12.15 1.98 -13.70
C TRP A 117 -11.90 2.96 -14.85
N ARG A 118 -10.63 3.15 -15.23
CA ARG A 118 -10.36 4.14 -16.25
C ARG A 118 -8.97 3.95 -16.85
N TYR A 119 -8.78 4.54 -18.02
CA TYR A 119 -7.52 4.55 -18.74
C TYR A 119 -6.96 5.96 -18.67
N LYS A 120 -6.11 6.18 -17.68
CA LYS A 120 -5.48 7.47 -17.45
C LYS A 120 -4.40 7.70 -18.52
N VAL A 121 -4.50 8.80 -19.26
CA VAL A 121 -3.52 9.14 -20.29
C VAL A 121 -2.71 10.33 -19.79
N GLY A 122 -1.40 10.19 -19.82
CA GLY A 122 -0.51 11.28 -19.46
C GLY A 122 0.76 11.23 -20.25
N LEU A 123 1.89 10.99 -19.56
CA LEU A 123 3.13 10.70 -20.27
C LEU A 123 3.01 9.39 -21.05
N ASP A 124 2.28 8.42 -20.50
CA ASP A 124 1.95 7.18 -21.17
C ASP A 124 0.54 6.80 -20.72
N GLY A 125 0.14 5.56 -20.97
CA GLY A 125 -1.19 5.09 -20.62
C GLY A 125 -1.09 4.24 -19.37
N GLU A 126 -2.00 4.49 -18.42
CA GLU A 126 -2.11 3.64 -17.24
C GLU A 126 -3.57 3.28 -16.98
N PRO A 127 -3.99 2.09 -17.36
CA PRO A 127 -5.28 1.59 -16.91
C PRO A 127 -5.25 1.40 -15.40
N VAL A 128 -6.33 1.83 -14.74
CA VAL A 128 -6.48 1.68 -13.30
C VAL A 128 -7.81 1.02 -13.01
N ALA A 129 -7.84 0.17 -11.98
CA ALA A 129 -9.07 -0.43 -11.51
C ALA A 129 -8.94 -0.65 -10.00
N GLY A 130 -10.03 -0.42 -9.29
CA GLY A 130 -10.08 -0.64 -7.84
C GLY A 130 -11.48 -0.98 -7.39
N PHE A 131 -11.57 -1.76 -6.32
CA PHE A 131 -12.86 -2.28 -5.86
C PHE A 131 -12.82 -2.44 -4.36
N THR A 132 -13.99 -2.31 -3.74
CA THR A 132 -14.20 -2.71 -2.36
C THR A 132 -15.34 -3.73 -2.32
N LEU A 133 -15.08 -4.84 -1.65
CA LEU A 133 -16.01 -5.95 -1.58
C LEU A 133 -16.31 -6.24 -0.12
N GLN A 134 -17.59 -6.48 0.16
CA GLN A 134 -18.07 -6.89 1.47
C GLN A 134 -18.89 -8.16 1.34
N VAL A 135 -18.66 -9.12 2.22
CA VAL A 135 -19.47 -10.33 2.25
C VAL A 135 -20.31 -10.29 3.50
N ILE A 136 -21.63 -10.29 3.31
CA ILE A 136 -22.62 -10.05 4.34
C ILE A 136 -23.36 -11.36 4.60
N GLU A 137 -23.33 -11.81 5.84
CA GLU A 137 -24.08 -13.01 6.20
C GLU A 137 -25.52 -12.65 6.51
N LEU A 138 -26.46 -13.38 5.91
CA LEU A 138 -27.88 -13.10 6.07
C LEU A 138 -28.53 -14.24 6.85
N PRO A 139 -29.65 -13.97 7.53
CA PRO A 139 -30.42 -12.72 7.61
C PRO A 139 -29.87 -11.64 8.56
N GLU A 140 -28.83 -11.94 9.35
CA GLU A 140 -28.41 -11.02 10.41
C GLU A 140 -27.63 -9.82 9.90
N GLU A 141 -27.26 -9.78 8.63
CA GLU A 141 -26.51 -8.67 8.04
C GLU A 141 -25.20 -8.41 8.79
N LYS A 142 -24.36 -9.45 8.89
CA LYS A 142 -23.06 -9.35 9.52
C LYS A 142 -21.96 -9.48 8.48
N VAL A 143 -21.02 -8.55 8.49
CA VAL A 143 -19.89 -8.63 7.58
C VAL A 143 -18.92 -9.70 8.06
N VAL A 144 -18.73 -10.73 7.25
CA VAL A 144 -17.81 -11.81 7.63
C VAL A 144 -16.48 -11.68 6.91
N TRP A 145 -16.42 -10.91 5.83
CA TRP A 145 -15.18 -10.66 5.13
C TRP A 145 -15.34 -9.37 4.35
N SER A 146 -14.23 -8.65 4.19
CA SER A 146 -14.25 -7.48 3.33
C SER A 146 -12.85 -7.26 2.80
N GLY A 147 -12.78 -6.63 1.64
CA GLY A 147 -11.53 -6.43 0.96
C GLY A 147 -11.54 -5.18 0.13
N VAL A 148 -10.37 -4.58 0.02
CA VAL A 148 -10.12 -3.39 -0.80
C VAL A 148 -8.86 -3.66 -1.61
N ALA A 149 -8.92 -3.44 -2.92
CA ALA A 149 -7.74 -3.66 -3.73
C ALA A 149 -7.79 -2.73 -4.94
N GLY A 150 -6.61 -2.48 -5.49
CA GLY A 150 -6.49 -1.62 -6.65
C GLY A 150 -5.18 -1.83 -7.36
N LYS A 151 -5.17 -1.43 -8.63
CA LYS A 151 -4.00 -1.68 -9.44
C LYS A 151 -3.95 -0.68 -10.59
N SER A 152 -2.76 -0.23 -10.89
CA SER A 152 -2.50 0.51 -12.11
C SER A 152 -1.54 -0.31 -12.97
N GLY A 153 -1.82 -0.36 -14.26
CA GLY A 153 -1.07 -1.18 -15.19
C GLY A 153 -0.21 -0.36 -16.14
N TRP A 154 0.36 -1.07 -17.11
CA TRP A 154 1.17 -0.49 -18.16
C TRP A 154 0.29 -0.20 -19.39
N SER A 155 0.86 0.57 -20.32
CA SER A 155 0.11 1.09 -21.47
C SER A 155 -0.60 0.03 -22.28
N ARG A 156 -0.01 -1.17 -22.41
CA ARG A 156 -0.59 -2.20 -23.29
C ARG A 156 -1.73 -2.97 -22.64
N ASP A 157 -1.96 -2.78 -21.33
CA ASP A 157 -3.05 -3.47 -20.65
C ASP A 157 -4.37 -2.75 -20.84
N ALA A 158 -5.41 -3.52 -21.11
CA ALA A 158 -6.75 -2.96 -21.04
C ALA A 158 -7.19 -2.77 -19.59
N VAL A 159 -8.12 -1.85 -19.37
CA VAL A 159 -8.67 -1.66 -18.05
C VAL A 159 -9.32 -2.96 -17.56
N SER A 160 -9.99 -3.68 -18.49
CA SER A 160 -10.74 -4.87 -18.11
C SER A 160 -9.83 -5.97 -17.61
N ALA A 161 -8.61 -6.07 -18.18
CA ALA A 161 -7.65 -7.05 -17.70
C ALA A 161 -7.07 -6.65 -16.35
N VAL A 162 -6.87 -5.35 -16.10
CA VAL A 162 -6.43 -4.93 -14.76
C VAL A 162 -7.54 -5.20 -13.75
N ALA A 163 -8.78 -4.92 -14.12
CA ALA A 163 -9.90 -5.17 -13.21
C ALA A 163 -10.08 -6.65 -12.94
N GLN A 164 -9.89 -7.50 -13.96
CA GLN A 164 -10.02 -8.93 -13.74
C GLN A 164 -8.95 -9.42 -12.77
N GLN A 165 -7.72 -8.92 -12.91
CA GLN A 165 -6.66 -9.27 -11.98
C GLN A 165 -7.00 -8.90 -10.54
N VAL A 166 -7.51 -7.68 -10.35
CA VAL A 166 -7.78 -7.18 -9.00
C VAL A 166 -8.90 -7.98 -8.36
N LEU A 167 -9.96 -8.24 -9.12
CA LEU A 167 -11.05 -9.05 -8.58
C LEU A 167 -10.63 -10.50 -8.42
N ASP A 168 -9.68 -10.99 -9.23
CA ASP A 168 -9.19 -12.34 -9.01
C ASP A 168 -8.46 -12.45 -7.68
N SER A 169 -7.59 -11.48 -7.38
CA SER A 169 -6.90 -11.46 -6.09
C SER A 169 -7.89 -11.40 -4.93
N LEU A 170 -8.93 -10.57 -5.04
CA LEU A 170 -9.88 -10.43 -3.92
C LEU A 170 -10.65 -11.72 -3.69
N ILE A 171 -11.17 -12.31 -4.77
CA ILE A 171 -11.94 -13.54 -4.63
C ILE A 171 -11.03 -14.69 -4.21
N GLY A 172 -9.78 -14.67 -4.69
CA GLY A 172 -8.85 -15.71 -4.25
C GLY A 172 -8.56 -15.59 -2.77
N ASP A 173 -8.52 -14.36 -2.26
CA ASP A 173 -8.32 -14.15 -0.83
C ASP A 173 -9.55 -14.52 -0.02
N LEU A 174 -10.74 -14.19 -0.53
CA LEU A 174 -11.98 -14.59 0.14
C LEU A 174 -12.06 -16.11 0.28
N GLU A 175 -11.72 -16.84 -0.79
CA GLU A 175 -11.76 -18.29 -0.73
C GLU A 175 -10.80 -18.82 0.33
N LYS A 176 -9.58 -18.27 0.40
CA LYS A 176 -8.63 -18.73 1.43
C LYS A 176 -9.10 -18.34 2.82
N ALA A 177 -9.46 -17.06 3.00
CA ALA A 177 -9.94 -16.58 4.29
C ALA A 177 -11.27 -17.22 4.68
N ALA A 178 -12.04 -17.76 3.72
CA ALA A 178 -13.23 -18.53 4.06
C ALA A 178 -12.90 -19.74 4.92
N ALA A 179 -11.63 -20.17 4.92
CA ALA A 179 -11.10 -21.23 5.78
C ALA A 179 -11.69 -22.57 5.40
N SER B 12 -24.83 3.19 0.54
CA SER B 12 -24.14 2.02 1.10
C SER B 12 -22.86 1.70 0.33
N GLY B 13 -22.46 2.58 -0.60
CA GLY B 13 -21.21 2.39 -1.29
C GLY B 13 -20.04 2.39 -0.33
N LEU B 14 -19.01 1.65 -0.68
CA LEU B 14 -17.82 1.55 0.15
C LEU B 14 -16.70 2.33 -0.53
N VAL B 15 -16.31 3.44 0.08
CA VAL B 15 -15.27 4.30 -0.47
C VAL B 15 -14.15 4.43 0.56
N PRO B 16 -13.20 3.52 0.57
CA PRO B 16 -12.09 3.64 1.51
C PRO B 16 -11.21 4.84 1.15
N ARG B 17 -10.56 5.38 2.17
CA ARG B 17 -9.54 6.40 1.96
C ARG B 17 -8.20 5.78 2.33
N GLY B 18 -7.13 6.29 1.74
CA GLY B 18 -5.85 5.62 1.92
C GLY B 18 -4.68 6.49 1.58
N SER B 19 -3.53 6.05 2.07
CA SER B 19 -2.26 6.69 1.72
C SER B 19 -1.18 5.61 1.74
N HIS B 20 -0.20 5.78 0.85
CA HIS B 20 0.87 4.83 0.66
C HIS B 20 2.16 5.62 0.43
N MET B 21 3.27 5.07 0.93
CA MET B 21 4.56 5.69 0.68
C MET B 21 5.60 4.59 0.64
N VAL B 22 6.45 4.65 -0.37
CA VAL B 22 7.60 3.74 -0.46
C VAL B 22 8.81 4.57 -0.83
N THR B 23 9.85 4.46 -0.03
CA THR B 23 11.09 5.17 -0.25
C THR B 23 12.26 4.19 -0.26
N LEU B 24 13.31 4.58 -0.96
CA LEU B 24 14.45 3.69 -1.13
C LEU B 24 15.71 4.53 -1.14
N ARG B 25 16.64 4.19 -0.26
CA ARG B 25 17.92 4.84 -0.13
C ARG B 25 18.97 3.98 -0.85
N GLN B 26 19.78 4.60 -1.70
CA GLN B 26 20.78 3.87 -2.49
C GLN B 26 22.12 4.59 -2.36
N GLY B 27 22.96 4.12 -1.45
CA GLY B 27 24.26 4.74 -1.23
C GLY B 27 24.53 5.02 0.24
N GLY B 28 25.71 4.65 0.71
CA GLY B 28 26.03 4.79 2.12
C GLY B 28 26.38 6.20 2.56
N GLY B 29 26.52 7.14 1.63
CA GLY B 29 26.92 8.48 2.01
C GLY B 29 25.80 9.24 2.69
N THR B 30 26.16 9.98 3.73
CA THR B 30 25.24 10.92 4.36
C THR B 30 25.02 12.10 3.42
N VAL B 31 23.78 12.32 3.02
CA VAL B 31 23.47 13.56 2.30
C VAL B 31 23.14 14.61 3.34
N SER B 32 23.54 15.84 3.09
CA SER B 32 23.42 16.92 4.07
C SER B 32 22.47 17.99 3.55
N PHE B 33 21.50 18.37 4.37
CA PHE B 33 20.59 19.45 4.01
C PHE B 33 21.27 20.82 4.03
N THR B 34 22.44 20.94 4.64
CA THR B 34 23.19 22.19 4.57
C THR B 34 24.08 22.28 3.34
N ASP B 35 24.07 21.25 2.50
CA ASP B 35 24.82 21.23 1.26
C ASP B 35 24.11 22.10 0.21
N SER B 36 24.68 22.14 -0.98
CA SER B 36 24.07 22.84 -2.11
C SER B 36 23.00 21.96 -2.75
N TRP B 37 21.75 22.43 -2.77
CA TRP B 37 20.62 21.71 -3.32
C TRP B 37 19.95 22.52 -4.42
N ALA B 38 19.33 21.80 -5.35
CA ALA B 38 18.45 22.40 -6.33
C ALA B 38 17.11 21.67 -6.30
N LEU B 39 16.03 22.43 -6.42
CA LEU B 39 14.70 21.88 -6.65
C LEU B 39 14.36 22.13 -8.12
N LEU B 40 14.27 21.06 -8.92
CA LEU B 40 13.93 21.21 -10.33
C LEU B 40 12.45 21.50 -10.50
N PRO B 41 12.02 22.02 -11.66
CA PRO B 41 10.58 22.04 -11.97
C PRO B 41 10.03 20.62 -11.95
N PHE B 42 8.79 20.52 -11.50
CA PHE B 42 8.11 19.24 -11.50
C PHE B 42 7.64 18.91 -12.90
N ILE B 43 7.53 17.62 -13.17
CA ILE B 43 6.82 17.13 -14.34
C ILE B 43 5.39 16.85 -13.92
N ASN B 44 4.43 17.18 -14.80
CA ASN B 44 3.00 17.08 -14.47
C ASN B 44 2.40 15.92 -15.25
N ASN B 45 2.19 14.80 -14.57
CA ASN B 45 1.53 13.69 -15.24
C ASN B 45 0.05 13.60 -14.87
N THR B 46 -0.62 14.74 -14.69
CA THR B 46 -2.07 14.77 -14.48
C THR B 46 -2.71 15.65 -15.56
N GLU B 47 -4.03 15.79 -15.45
CA GLU B 47 -4.78 16.73 -16.28
C GLU B 47 -5.08 18.02 -15.55
N THR B 48 -4.48 18.24 -14.39
CA THR B 48 -4.74 19.44 -13.61
C THR B 48 -3.79 20.54 -14.03
N PRO B 49 -4.26 21.62 -14.65
CA PRO B 49 -3.37 22.75 -14.96
C PRO B 49 -2.66 23.27 -13.72
N TYR B 50 -1.39 23.65 -13.91
CA TYR B 50 -0.49 24.25 -12.92
C TYR B 50 -0.18 23.35 -11.75
N ALA B 51 -0.49 22.05 -11.85
CA ALA B 51 -0.21 21.16 -10.72
C ALA B 51 1.28 21.05 -10.45
N ALA B 52 2.13 21.07 -11.50
CA ALA B 52 3.57 20.98 -11.25
C ALA B 52 4.08 22.24 -10.55
N GLU B 53 3.63 23.42 -11.01
CA GLU B 53 4.05 24.67 -10.38
C GLU B 53 3.64 24.72 -8.92
N ARG B 54 2.43 24.28 -8.59
CA ARG B 54 2.00 24.30 -7.20
C ARG B 54 2.75 23.25 -6.37
N ALA B 55 2.96 22.06 -6.93
CA ALA B 55 3.79 21.06 -6.27
C ALA B 55 5.17 21.62 -5.95
N GLU B 56 5.80 22.28 -6.91
CA GLU B 56 7.13 22.86 -6.69
C GLU B 56 7.11 23.88 -5.54
N ALA B 57 6.04 24.70 -5.46
CA ALA B 57 6.03 25.75 -4.44
C ALA B 57 5.83 25.16 -3.05
N VAL B 58 4.93 24.19 -2.93
CA VAL B 58 4.74 23.49 -1.66
C VAL B 58 6.04 22.81 -1.24
N THR B 59 6.66 22.09 -2.18
CA THR B 59 7.90 21.39 -1.87
C THR B 59 8.98 22.36 -1.41
N ALA B 60 9.09 23.52 -2.08
CA ALA B 60 10.14 24.47 -1.72
C ALA B 60 9.96 24.98 -0.29
N ALA B 61 8.71 25.30 0.09
CA ALA B 61 8.43 25.77 1.45
C ALA B 61 8.70 24.69 2.49
N LEU B 62 8.32 23.45 2.19
CA LEU B 62 8.60 22.34 3.10
C LEU B 62 10.10 22.11 3.27
N LEU B 63 10.88 22.23 2.19
CA LEU B 63 12.32 22.02 2.31
C LEU B 63 12.96 23.08 3.20
N HIS B 64 12.56 24.33 3.02
CA HIS B 64 13.02 25.39 3.91
C HIS B 64 12.62 25.10 5.34
N THR B 65 11.36 24.70 5.56
CA THR B 65 10.93 24.32 6.89
C THR B 65 11.83 23.23 7.48
N HIS B 66 12.20 22.24 6.67
CA HIS B 66 13.08 21.18 7.13
C HIS B 66 14.57 21.57 7.12
N GLY B 67 14.90 22.84 6.92
CA GLY B 67 16.24 23.35 7.16
C GLY B 67 17.15 23.49 5.94
N MET B 68 16.60 23.44 4.73
CA MET B 68 17.41 23.41 3.50
C MET B 68 17.44 24.83 2.92
N GLN B 69 18.41 25.63 3.37
CA GLN B 69 18.38 27.07 3.10
C GLN B 69 18.99 27.41 1.75
N LYS B 70 20.02 26.68 1.32
CA LYS B 70 20.68 26.93 0.04
C LYS B 70 20.01 26.06 -1.02
N LEU B 71 18.93 26.57 -1.61
CA LEU B 71 18.11 25.83 -2.55
C LEU B 71 17.93 26.61 -3.84
N GLU B 72 18.59 26.16 -4.92
CA GLU B 72 18.38 26.75 -6.24
C GLU B 72 17.02 26.35 -6.79
N ARG B 73 16.33 27.31 -7.39
CA ARG B 73 15.03 27.07 -8.00
C ARG B 73 15.00 27.69 -9.39
N THR B 74 14.06 27.24 -10.20
CA THR B 74 13.92 27.67 -11.58
C THR B 74 12.65 28.50 -11.75
N VAL B 75 12.75 29.64 -12.40
CA VAL B 75 11.56 30.43 -12.72
C VAL B 75 10.91 29.85 -13.97
N THR B 76 9.60 29.59 -13.87
CA THR B 76 8.86 28.93 -14.94
C THR B 76 8.29 29.96 -15.91
N GLU B 77 8.03 29.52 -17.14
CA GLU B 77 7.55 30.40 -18.20
C GLU B 77 6.02 30.47 -18.22
N ARG B 89 4.05 19.11 -20.19
CA ARG B 89 4.11 18.35 -18.95
C ARG B 89 5.40 18.65 -18.21
N GLY B 90 6.27 19.43 -18.84
CA GLY B 90 7.44 19.98 -18.18
C GLY B 90 8.73 19.22 -18.32
N GLU B 91 8.81 18.20 -19.19
CA GLU B 91 9.99 17.34 -19.26
C GLU B 91 11.22 18.12 -19.69
N LEU B 92 11.08 18.94 -20.73
CA LEU B 92 12.20 19.74 -21.20
C LEU B 92 12.65 20.74 -20.15
N LYS B 93 11.70 21.31 -19.39
CA LYS B 93 12.06 22.25 -18.34
C LYS B 93 12.88 21.58 -17.25
N GLN B 94 12.54 20.31 -16.93
CA GLN B 94 13.25 19.62 -15.87
C GLN B 94 14.66 19.24 -16.32
N LYS B 95 14.80 18.77 -17.57
CA LYS B 95 16.14 18.49 -18.12
C LYS B 95 17.01 19.74 -18.09
N ALA B 96 16.49 20.84 -18.65
CA ALA B 96 17.26 22.09 -18.69
C ALA B 96 17.63 22.56 -17.30
N ALA B 97 16.77 22.36 -16.31
CA ALA B 97 17.13 22.80 -14.97
C ALA B 97 18.17 21.88 -14.35
N LEU B 98 18.13 20.59 -14.66
CA LEU B 98 19.19 19.69 -14.19
C LEU B 98 20.54 20.12 -14.77
N GLU B 99 20.57 20.49 -16.06
CA GLU B 99 21.79 21.01 -16.67
C GLU B 99 22.25 22.28 -16.00
N ALA B 100 21.32 23.18 -15.68
CA ALA B 100 21.72 24.43 -15.02
C ALA B 100 22.26 24.16 -13.62
N ALA B 101 21.64 23.22 -12.89
CA ALA B 101 22.14 22.86 -11.57
C ALA B 101 23.58 22.34 -11.64
N LYS B 102 23.89 21.53 -12.65
CA LYS B 102 25.27 21.06 -12.84
C LYS B 102 26.21 22.22 -13.08
N GLN B 103 25.84 23.14 -13.98
CA GLN B 103 26.65 24.32 -14.21
C GLN B 103 26.79 25.17 -12.96
N LYS B 104 25.85 25.07 -12.03
CA LYS B 104 25.95 25.78 -10.76
C LYS B 104 26.72 25.00 -9.71
N LYS B 105 27.21 23.81 -10.05
CA LYS B 105 27.95 22.93 -9.13
C LYS B 105 27.16 22.65 -7.85
N VAL B 106 25.86 22.42 -7.98
CA VAL B 106 25.10 21.93 -6.83
C VAL B 106 25.39 20.45 -6.63
N ARG B 107 25.31 20.01 -5.37
CA ARG B 107 25.55 18.62 -5.01
C ARG B 107 24.33 17.72 -5.31
N TYR B 108 23.12 18.18 -5.00
CA TYR B 108 21.91 17.35 -5.06
C TYR B 108 20.79 18.07 -5.79
N ALA B 109 20.17 17.40 -6.76
CA ALA B 109 18.99 17.93 -7.44
C ALA B 109 17.77 17.06 -7.13
N ILE B 110 16.66 17.68 -6.78
CA ILE B 110 15.40 16.97 -6.55
C ILE B 110 14.56 17.05 -7.82
N ALA B 111 14.27 15.90 -8.41
CA ALA B 111 13.44 15.77 -9.61
C ALA B 111 12.11 15.11 -9.24
N GLY B 112 11.01 15.84 -9.40
CA GLY B 112 9.70 15.38 -8.96
C GLY B 112 8.72 15.25 -10.11
N THR B 113 7.85 14.26 -10.01
CA THR B 113 6.72 14.11 -10.93
C THR B 113 5.42 14.13 -10.13
N VAL B 114 4.46 14.96 -10.58
CA VAL B 114 3.11 14.92 -10.03
C VAL B 114 2.37 13.78 -10.71
N ASN B 115 2.01 12.74 -9.95
CA ASN B 115 1.27 11.61 -10.48
C ASN B 115 -0.24 11.79 -10.36
N GLU B 116 -0.69 12.54 -9.38
CA GLU B 116 -2.11 12.75 -9.19
C GLU B 116 -2.31 14.06 -8.46
N TRP B 117 -3.35 14.79 -8.84
CA TRP B 117 -3.71 16.05 -8.20
C TRP B 117 -5.12 16.44 -8.65
N ARG B 118 -6.14 15.96 -7.95
CA ARG B 118 -7.48 16.25 -8.41
C ARG B 118 -8.48 16.00 -7.30
N TYR B 119 -9.63 16.67 -7.43
CA TYR B 119 -10.75 16.47 -6.52
C TYR B 119 -11.74 15.59 -7.28
N LYS B 120 -11.81 14.33 -6.88
CA LYS B 120 -12.65 13.34 -7.54
C LYS B 120 -14.06 13.41 -6.94
N VAL B 121 -15.08 13.46 -7.80
CA VAL B 121 -16.47 13.59 -7.35
C VAL B 121 -17.21 12.30 -7.71
N GLY B 122 -17.54 11.53 -6.70
CA GLY B 122 -18.33 10.33 -6.92
C GLY B 122 -19.50 10.31 -5.96
N LEU B 123 -19.55 9.27 -5.12
CA LEU B 123 -20.52 9.26 -4.03
C LEU B 123 -20.26 10.40 -3.06
N ASP B 124 -19.00 10.82 -2.93
CA ASP B 124 -18.61 11.98 -2.14
C ASP B 124 -17.39 12.60 -2.79
N GLY B 125 -16.76 13.56 -2.10
CA GLY B 125 -15.57 14.19 -2.62
C GLY B 125 -14.36 13.47 -2.06
N GLU B 126 -13.40 13.17 -2.92
CA GLU B 126 -12.10 12.71 -2.45
C GLU B 126 -11.03 13.49 -3.18
N PRO B 127 -10.37 14.41 -2.49
CA PRO B 127 -9.13 14.98 -3.02
C PRO B 127 -8.05 13.91 -3.01
N VAL B 128 -7.28 13.86 -4.10
CA VAL B 128 -6.23 12.85 -4.28
C VAL B 128 -4.99 13.57 -4.74
N ALA B 129 -3.84 13.22 -4.16
CA ALA B 129 -2.54 13.70 -4.62
C ALA B 129 -1.55 12.56 -4.48
N GLY B 130 -0.54 12.56 -5.36
CA GLY B 130 0.52 11.56 -5.34
C GLY B 130 1.73 12.08 -6.08
N PHE B 131 2.92 11.61 -5.67
CA PHE B 131 4.15 12.18 -6.20
C PHE B 131 5.25 11.13 -6.20
N THR B 132 6.20 11.28 -7.13
CA THR B 132 7.42 10.48 -7.14
C THR B 132 8.60 11.44 -7.17
N LEU B 133 9.51 11.28 -6.23
CA LEU B 133 10.67 12.15 -6.09
C LEU B 133 11.94 11.33 -6.23
N GLN B 134 12.95 11.92 -6.88
CA GLN B 134 14.30 11.36 -6.94
C GLN B 134 15.31 12.42 -6.52
N VAL B 135 16.25 12.03 -5.68
CA VAL B 135 17.38 12.89 -5.34
C VAL B 135 18.61 12.41 -6.10
N ILE B 136 19.13 13.28 -6.95
CA ILE B 136 20.21 12.97 -7.88
C ILE B 136 21.49 13.65 -7.39
N GLU B 137 22.53 12.86 -7.15
CA GLU B 137 23.81 13.43 -6.76
C GLU B 137 24.61 13.84 -7.99
N LEU B 138 25.10 15.07 -7.99
CA LEU B 138 25.80 15.62 -9.13
C LEU B 138 27.26 15.84 -8.72
N PRO B 139 28.17 15.84 -9.68
CA PRO B 139 27.97 15.69 -11.13
C PRO B 139 27.77 14.26 -11.63
N GLU B 140 27.89 13.24 -10.78
CA GLU B 140 27.83 11.86 -11.27
C GLU B 140 26.44 11.43 -11.74
N GLU B 141 25.39 12.18 -11.41
CA GLU B 141 24.01 11.80 -11.75
C GLU B 141 23.66 10.40 -11.24
N LYS B 142 23.95 10.16 -9.97
CA LYS B 142 23.55 8.94 -9.29
C LYS B 142 22.38 9.25 -8.36
N VAL B 143 21.36 8.40 -8.38
CA VAL B 143 20.20 8.55 -7.51
C VAL B 143 20.55 8.02 -6.13
N VAL B 144 20.54 8.90 -5.13
CA VAL B 144 20.85 8.46 -3.78
C VAL B 144 19.60 8.18 -2.95
N TRP B 145 18.44 8.72 -3.34
CA TRP B 145 17.17 8.44 -2.67
C TRP B 145 16.03 8.62 -3.68
N SER B 146 15.00 7.80 -3.53
CA SER B 146 13.81 7.94 -4.36
C SER B 146 12.59 7.56 -3.53
N GLY B 147 11.47 8.19 -3.85
CA GLY B 147 10.26 7.94 -3.10
C GLY B 147 9.01 8.14 -3.93
N VAL B 148 8.02 7.34 -3.67
CA VAL B 148 6.68 7.52 -4.23
C VAL B 148 5.67 7.48 -3.08
N ALA B 149 4.68 8.36 -3.16
CA ALA B 149 3.69 8.43 -2.11
C ALA B 149 2.42 9.00 -2.71
N GLY B 150 1.30 8.64 -2.11
CA GLY B 150 0.01 9.14 -2.57
C GLY B 150 -1.00 9.05 -1.46
N LYS B 151 -2.07 9.83 -1.60
CA LYS B 151 -3.06 9.88 -0.55
C LYS B 151 -4.39 10.35 -1.13
N SER B 152 -5.45 9.65 -0.74
CA SER B 152 -6.81 10.11 -0.99
C SER B 152 -7.40 10.55 0.34
N GLY B 153 -8.07 11.70 0.34
CA GLY B 153 -8.64 12.26 1.54
C GLY B 153 -10.16 12.28 1.54
N TRP B 154 -10.68 12.87 2.61
CA TRP B 154 -12.11 13.04 2.84
C TRP B 154 -12.62 14.35 2.22
N SER B 155 -13.94 14.45 2.12
CA SER B 155 -14.54 15.46 1.27
C SER B 155 -14.27 16.88 1.76
N ARG B 156 -14.15 17.09 3.06
CA ARG B 156 -13.87 18.45 3.54
C ARG B 156 -12.43 18.88 3.31
N ASP B 157 -11.57 18.00 2.79
CA ASP B 157 -10.16 18.31 2.59
C ASP B 157 -9.92 18.93 1.22
N ALA B 158 -9.07 19.95 1.19
CA ALA B 158 -8.59 20.47 -0.08
C ALA B 158 -7.48 19.58 -0.65
N VAL B 159 -7.40 19.54 -1.98
CA VAL B 159 -6.36 18.78 -2.66
C VAL B 159 -4.97 19.27 -2.25
N SER B 160 -4.81 20.59 -2.12
CA SER B 160 -3.49 21.13 -1.79
C SER B 160 -3.07 20.75 -0.38
N ALA B 161 -4.03 20.59 0.54
CA ALA B 161 -3.69 20.08 1.87
C ALA B 161 -3.28 18.60 1.79
N VAL B 162 -3.94 17.81 0.96
CA VAL B 162 -3.51 16.42 0.79
C VAL B 162 -2.13 16.37 0.15
N ALA B 163 -1.89 17.24 -0.85
CA ALA B 163 -0.58 17.27 -1.52
C ALA B 163 0.52 17.67 -0.54
N GLN B 164 0.25 18.69 0.28
CA GLN B 164 1.24 19.13 1.25
C GLN B 164 1.55 18.04 2.27
N GLN B 165 0.53 17.32 2.71
CA GLN B 165 0.76 16.19 3.63
C GLN B 165 1.62 15.12 2.97
N VAL B 166 1.36 14.82 1.69
CA VAL B 166 2.12 13.76 1.02
C VAL B 166 3.56 14.19 0.80
N LEU B 167 3.78 15.44 0.40
CA LEU B 167 5.15 15.88 0.16
C LEU B 167 5.91 16.04 1.47
N ASP B 168 5.23 16.40 2.56
CA ASP B 168 5.91 16.46 3.84
C ASP B 168 6.35 15.08 4.32
N SER B 169 5.52 14.06 4.08
CA SER B 169 5.91 12.68 4.40
C SER B 169 7.14 12.25 3.59
N LEU B 170 7.18 12.60 2.30
CA LEU B 170 8.33 12.26 1.48
C LEU B 170 9.58 13.01 1.93
N ILE B 171 9.44 14.31 2.18
CA ILE B 171 10.59 15.11 2.56
C ILE B 171 11.06 14.71 3.96
N GLY B 172 10.12 14.38 4.84
CA GLY B 172 10.51 13.92 6.16
C GLY B 172 11.23 12.59 6.12
N ASP B 173 10.82 11.73 5.18
CA ASP B 173 11.52 10.46 5.02
C ASP B 173 12.93 10.66 4.46
N LEU B 174 13.06 11.49 3.40
CA LEU B 174 14.38 11.79 2.85
C LEU B 174 15.32 12.31 3.92
N GLU B 175 14.82 13.20 4.78
CA GLU B 175 15.62 13.73 5.87
C GLU B 175 16.10 12.61 6.78
N LYS B 176 15.18 11.74 7.19
CA LYS B 176 15.54 10.64 8.07
C LYS B 176 16.44 9.63 7.36
N ALA B 177 16.13 9.32 6.09
CA ALA B 177 16.97 8.38 5.35
C ALA B 177 18.37 8.94 5.12
N ALA B 178 18.48 10.27 4.99
CA ALA B 178 19.74 10.89 4.60
C ALA B 178 20.77 10.82 5.71
N ALA B 179 20.33 10.84 6.98
CA ALA B 179 21.17 11.00 8.16
C ALA B 179 21.89 12.34 8.12
N THR B 180 22.70 12.63 9.13
CA THR B 180 23.44 13.88 9.23
C THR B 180 24.37 13.85 10.43
N SER C 12 24.94 -3.08 -2.47
CA SER C 12 24.58 -3.96 -1.36
C SER C 12 23.06 -4.12 -1.28
N GLY C 13 22.57 -4.45 -0.10
CA GLY C 13 21.17 -4.80 0.04
C GLY C 13 20.25 -3.60 -0.06
N LEU C 14 19.09 -3.83 -0.67
CA LEU C 14 18.10 -2.78 -0.91
C LEU C 14 16.94 -3.01 0.05
N VAL C 15 16.85 -2.17 1.08
CA VAL C 15 15.80 -2.35 2.08
C VAL C 15 14.93 -1.09 2.11
N PRO C 16 13.88 -1.04 1.31
CA PRO C 16 13.00 0.15 1.34
C PRO C 16 12.29 0.27 2.67
N ARG C 17 11.93 1.50 3.00
CA ARG C 17 11.02 1.77 4.10
C ARG C 17 9.66 2.17 3.53
N GLY C 18 8.62 2.02 4.32
CA GLY C 18 7.31 2.27 3.77
C GLY C 18 6.24 2.39 4.84
N SER C 19 5.14 3.03 4.44
CA SER C 19 3.95 3.13 5.27
C SER C 19 2.72 3.01 4.40
N HIS C 20 1.67 2.45 5.00
CA HIS C 20 0.39 2.27 4.34
C HIS C 20 -0.71 2.49 5.36
N MET C 21 -1.81 3.08 4.90
CA MET C 21 -2.99 3.27 5.73
C MET C 21 -4.22 3.12 4.85
N VAL C 22 -5.18 2.33 5.32
CA VAL C 22 -6.49 2.24 4.67
C VAL C 22 -7.56 2.41 5.73
N THR C 23 -8.61 3.09 5.35
CA THR C 23 -9.57 3.61 6.30
C THR C 23 -10.95 3.57 5.64
N LEU C 24 -11.96 3.17 6.39
CA LEU C 24 -13.29 3.03 5.80
C LEU C 24 -14.37 3.50 6.77
N ARG C 25 -15.24 4.37 6.29
CA ARG C 25 -16.40 4.83 7.04
C ARG C 25 -17.54 3.91 6.61
N GLN C 26 -17.88 2.93 7.47
CA GLN C 26 -18.72 1.81 7.02
C GLN C 26 -20.14 2.24 6.71
N GLY C 27 -20.59 3.33 7.29
CA GLY C 27 -21.95 3.78 7.05
C GLY C 27 -22.34 4.82 8.06
N GLY C 28 -23.55 5.35 7.87
CA GLY C 28 -24.06 6.42 8.68
C GLY C 28 -23.51 7.77 8.25
N GLY C 29 -24.40 8.77 8.18
CA GLY C 29 -23.98 10.12 7.91
C GLY C 29 -23.91 10.91 9.20
N THR C 30 -23.34 10.31 10.25
CA THR C 30 -23.35 10.88 11.58
C THR C 30 -22.22 11.89 11.75
N VAL C 31 -21.88 12.20 13.01
CA VAL C 31 -20.75 13.05 13.36
C VAL C 31 -19.97 12.27 14.42
N SER C 32 -19.52 12.94 15.49
CA SER C 32 -18.80 12.30 16.59
C SER C 32 -18.26 13.29 17.62
N PHE C 33 -17.67 12.75 18.69
CA PHE C 33 -16.44 13.23 19.33
C PHE C 33 -16.61 13.92 20.69
N THR C 34 -17.54 14.86 20.82
CA THR C 34 -17.81 15.31 22.17
C THR C 34 -18.82 14.40 22.87
N ASP C 35 -19.26 13.33 22.22
CA ASP C 35 -20.08 12.31 22.86
C ASP C 35 -19.29 11.53 23.91
N SER C 36 -19.85 10.42 24.36
CA SER C 36 -19.20 9.55 25.33
C SER C 36 -18.37 8.52 24.59
N TRP C 37 -17.08 8.47 24.90
CA TRP C 37 -16.14 7.61 24.21
C TRP C 37 -15.47 6.66 25.17
N ALA C 38 -15.16 5.46 24.67
CA ALA C 38 -14.43 4.46 25.43
C ALA C 38 -13.25 4.00 24.59
N LEU C 39 -12.07 3.96 25.21
CA LEU C 39 -10.90 3.34 24.60
C LEU C 39 -10.70 1.99 25.26
N LEU C 40 -11.05 0.92 24.55
CA LEU C 40 -10.88 -0.42 25.08
C LEU C 40 -9.40 -0.77 25.17
N PRO C 41 -9.05 -1.79 25.95
CA PRO C 41 -7.70 -2.34 25.88
C PRO C 41 -7.43 -2.92 24.50
N PHE C 42 -6.18 -2.82 24.07
CA PHE C 42 -5.71 -3.35 22.80
C PHE C 42 -5.48 -4.85 22.90
N ILE C 43 -5.57 -5.50 21.76
CA ILE C 43 -5.15 -6.89 21.61
C ILE C 43 -3.74 -6.92 21.05
N ASN C 44 -2.89 -7.77 21.62
CA ASN C 44 -1.48 -7.82 21.24
C ASN C 44 -1.27 -9.02 20.32
N ASN C 45 -1.18 -8.77 19.01
CA ASN C 45 -0.77 -9.80 18.05
C ASN C 45 0.71 -9.69 17.70
N THR C 46 1.59 -9.43 18.67
CA THR C 46 3.02 -9.34 18.43
C THR C 46 3.77 -10.20 19.43
N GLU C 47 5.10 -10.22 19.31
CA GLU C 47 5.95 -10.93 20.26
C GLU C 47 6.60 -9.98 21.25
N THR C 48 6.13 -8.73 21.30
CA THR C 48 6.71 -7.73 22.18
C THR C 48 5.85 -7.59 23.42
N PRO C 49 6.35 -7.93 24.61
CA PRO C 49 5.57 -7.71 25.83
C PRO C 49 5.23 -6.23 26.00
N TYR C 50 4.05 -6.00 26.57
CA TYR C 50 3.53 -4.67 26.91
C TYR C 50 3.18 -3.85 25.68
N ALA C 51 3.28 -4.40 24.46
CA ALA C 51 2.95 -3.62 23.28
C ALA C 51 1.52 -3.09 23.33
N ALA C 52 0.59 -3.90 23.82
CA ALA C 52 -0.81 -3.46 23.84
C ALA C 52 -1.03 -2.34 24.85
N GLU C 53 -0.40 -2.44 26.03
CA GLU C 53 -0.52 -1.35 27.00
C GLU C 53 0.12 -0.07 26.48
N ARG C 54 1.36 -0.17 26.00
CA ARG C 54 1.99 1.00 25.39
C ARG C 54 1.12 1.59 24.28
N ALA C 55 0.49 0.73 23.48
CA ALA C 55 -0.33 1.25 22.39
C ALA C 55 -1.57 1.95 22.91
N GLU C 56 -2.17 1.41 23.98
CA GLU C 56 -3.34 2.06 24.56
C GLU C 56 -2.99 3.41 25.15
N ALA C 57 -1.85 3.50 25.84
CA ALA C 57 -1.46 4.77 26.45
C ALA C 57 -1.14 5.82 25.40
N VAL C 58 -0.48 5.42 24.31
CA VAL C 58 -0.21 6.37 23.22
C VAL C 58 -1.51 6.83 22.58
N THR C 59 -2.43 5.89 22.32
CA THR C 59 -3.71 6.26 21.71
C THR C 59 -4.48 7.22 22.59
N ALA C 60 -4.54 6.94 23.90
CA ALA C 60 -5.25 7.82 24.84
C ALA C 60 -4.73 9.25 24.78
N ALA C 61 -3.40 9.41 24.84
CA ALA C 61 -2.79 10.74 24.74
C ALA C 61 -3.17 11.43 23.44
N LEU C 62 -3.06 10.70 22.32
CA LEU C 62 -3.40 11.28 21.02
C LEU C 62 -4.86 11.68 20.97
N LEU C 63 -5.74 10.88 21.59
CA LEU C 63 -7.15 11.22 21.58
C LEU C 63 -7.41 12.53 22.33
N HIS C 64 -6.84 12.69 23.53
CA HIS C 64 -6.90 13.96 24.23
C HIS C 64 -6.42 15.10 23.34
N THR C 65 -5.22 14.94 22.77
CA THR C 65 -4.68 15.95 21.88
C THR C 65 -5.65 16.29 20.75
N HIS C 66 -6.41 15.31 20.26
CA HIS C 66 -7.35 15.57 19.19
C HIS C 66 -8.73 15.97 19.70
N GLY C 67 -8.84 16.33 20.97
CA GLY C 67 -10.03 16.95 21.48
C GLY C 67 -10.99 16.03 22.20
N MET C 68 -10.80 14.72 22.11
CA MET C 68 -11.70 13.82 22.83
C MET C 68 -11.49 13.95 24.32
N GLN C 69 -12.24 14.86 24.95
CA GLN C 69 -12.03 15.12 26.38
C GLN C 69 -12.66 14.05 27.27
N LYS C 70 -13.86 13.59 26.92
CA LYS C 70 -14.56 12.57 27.72
C LYS C 70 -14.21 11.20 27.15
N LEU C 71 -13.30 10.49 27.81
CA LEU C 71 -12.80 9.22 27.29
C LEU C 71 -12.75 8.20 28.43
N GLU C 72 -13.62 7.19 28.36
CA GLU C 72 -13.60 6.11 29.33
C GLU C 72 -12.47 5.13 29.03
N ARG C 73 -11.75 4.70 30.08
CA ARG C 73 -10.66 3.74 29.94
C ARG C 73 -10.84 2.58 30.91
N THR C 74 -10.11 1.48 30.64
CA THR C 74 -10.28 0.21 31.32
C THR C 74 -8.98 -0.19 32.02
N VAL C 75 -9.09 -0.62 33.27
CA VAL C 75 -7.93 -1.09 34.04
C VAL C 75 -7.94 -2.61 34.05
N THR C 76 -6.74 -3.21 33.93
CA THR C 76 -6.55 -4.67 33.96
C THR C 76 -7.38 -5.37 35.03
N ASP C 88 0.09 -12.64 21.06
CA ASP C 88 -1.26 -13.14 20.80
C ASP C 88 -2.29 -12.91 21.93
N ARG C 89 -1.96 -12.12 22.97
CA ARG C 89 -2.76 -12.08 24.19
C ARG C 89 -3.63 -10.82 24.28
N GLY C 90 -4.60 -10.87 25.21
CA GLY C 90 -5.43 -9.72 25.54
C GLY C 90 -6.87 -9.78 25.06
N GLU C 91 -7.28 -10.85 24.38
CA GLU C 91 -8.59 -10.85 23.74
C GLU C 91 -9.74 -10.83 24.76
N LEU C 92 -9.57 -11.52 25.90
CA LEU C 92 -10.65 -11.61 26.86
C LEU C 92 -10.89 -10.28 27.56
N LYS C 93 -9.82 -9.56 27.90
CA LYS C 93 -9.97 -8.25 28.51
C LYS C 93 -10.78 -7.31 27.61
N GLN C 94 -10.55 -7.35 26.29
CA GLN C 94 -11.23 -6.41 25.41
C GLN C 94 -12.73 -6.68 25.35
N LYS C 95 -13.13 -7.96 25.38
CA LYS C 95 -14.55 -8.28 25.48
C LYS C 95 -15.14 -7.67 26.74
N ALA C 96 -14.43 -7.77 27.87
CA ALA C 96 -14.96 -7.27 29.13
C ALA C 96 -15.18 -5.77 29.11
N ALA C 97 -14.26 -5.02 28.49
CA ALA C 97 -14.37 -3.57 28.50
C ALA C 97 -15.51 -3.08 27.62
N LEU C 98 -15.85 -3.84 26.58
CA LEU C 98 -16.96 -3.46 25.71
C LEU C 98 -18.29 -3.53 26.45
N GLU C 99 -18.39 -4.39 27.46
CA GLU C 99 -19.59 -4.44 28.29
C GLU C 99 -19.63 -3.27 29.27
N ALA C 100 -18.49 -2.96 29.89
CA ALA C 100 -18.43 -1.82 30.80
C ALA C 100 -18.89 -0.54 30.11
N ALA C 101 -18.40 -0.30 28.89
CA ALA C 101 -18.90 0.84 28.13
C ALA C 101 -20.36 0.65 27.76
N LYS C 102 -20.76 -0.59 27.51
CA LYS C 102 -22.16 -0.88 27.20
C LYS C 102 -23.04 -0.67 28.43
N GLN C 103 -22.61 -1.19 29.59
CA GLN C 103 -23.36 -1.01 30.82
C GLN C 103 -23.27 0.41 31.34
N LYS C 104 -22.27 1.17 30.91
CA LYS C 104 -22.26 2.62 31.06
C LYS C 104 -22.95 3.24 29.85
N LYS C 105 -23.02 4.58 29.83
CA LYS C 105 -23.75 5.28 28.79
C LYS C 105 -22.92 5.53 27.55
N VAL C 106 -21.93 4.69 27.27
CA VAL C 106 -20.90 5.02 26.30
C VAL C 106 -21.44 4.85 24.87
N ARG C 107 -21.31 5.90 24.08
CA ARG C 107 -21.82 5.90 22.71
C ARG C 107 -20.85 5.23 21.72
N TYR C 108 -19.54 5.47 21.84
CA TYR C 108 -18.56 4.97 20.88
C TYR C 108 -17.41 4.26 21.57
N ALA C 109 -17.08 3.05 21.10
CA ALA C 109 -16.00 2.25 21.65
C ALA C 109 -14.91 2.03 20.61
N ILE C 110 -13.66 2.27 20.98
CA ILE C 110 -12.52 2.09 20.10
C ILE C 110 -11.83 0.78 20.45
N ALA C 111 -11.82 -0.15 19.51
CA ALA C 111 -11.22 -1.48 19.69
C ALA C 111 -9.98 -1.58 18.79
N GLY C 112 -8.84 -1.87 19.39
CA GLY C 112 -7.60 -1.85 18.67
C GLY C 112 -6.83 -3.15 18.82
N THR C 113 -6.09 -3.48 17.77
CA THR C 113 -5.15 -4.58 17.77
C THR C 113 -3.79 -4.04 17.39
N VAL C 114 -2.75 -4.47 18.10
CA VAL C 114 -1.38 -4.22 17.71
C VAL C 114 -0.98 -5.35 16.77
N ASN C 115 -0.73 -5.02 15.51
CA ASN C 115 -0.32 -6.01 14.53
C ASN C 115 1.19 -6.13 14.45
N GLU C 116 1.90 -5.06 14.75
CA GLU C 116 3.35 -5.12 14.68
C GLU C 116 3.96 -4.10 15.63
N TRP C 117 5.04 -4.51 16.27
CA TRP C 117 5.75 -3.67 17.22
C TRP C 117 7.11 -4.29 17.49
N ARG C 118 8.11 -3.97 16.66
CA ARG C 118 9.41 -4.56 16.86
C ARG C 118 10.48 -3.71 16.18
N TYR C 119 11.71 -3.89 16.65
CA TYR C 119 12.88 -3.31 16.00
C TYR C 119 13.52 -4.44 15.18
N LYS C 120 13.20 -4.44 13.89
CA LYS C 120 13.72 -5.46 12.97
C LYS C 120 15.19 -5.19 12.68
N VAL C 121 16.04 -6.16 12.96
CA VAL C 121 17.49 -6.01 12.87
C VAL C 121 17.98 -6.86 11.72
N GLY C 122 18.22 -6.25 10.56
CA GLY C 122 18.81 -6.94 9.44
C GLY C 122 20.10 -6.29 8.98
N LEU C 123 20.13 -5.87 7.70
CA LEU C 123 21.22 -5.01 7.22
C LEU C 123 21.45 -3.86 8.18
N ASP C 124 20.38 -3.18 8.56
CA ASP C 124 20.41 -2.07 9.51
C ASP C 124 19.22 -2.21 10.43
N GLY C 125 18.97 -1.19 11.23
CA GLY C 125 17.79 -1.18 12.07
C GLY C 125 16.56 -0.77 11.28
N GLU C 126 15.42 -1.36 11.65
CA GLU C 126 14.16 -1.08 10.99
C GLU C 126 13.04 -1.18 12.02
N PRO C 127 12.70 -0.09 12.68
CA PRO C 127 11.51 -0.09 13.55
C PRO C 127 10.23 -0.23 12.74
N VAL C 128 9.33 -1.06 13.22
CA VAL C 128 8.08 -1.36 12.51
C VAL C 128 6.92 -1.32 13.51
N ALA C 129 5.86 -0.62 13.16
CA ALA C 129 4.64 -0.65 13.96
C ALA C 129 3.43 -0.65 13.05
N GLY C 130 2.38 -1.33 13.49
CA GLY C 130 1.15 -1.43 12.72
C GLY C 130 -0.01 -1.75 13.63
N PHE C 131 -1.18 -1.27 13.25
CA PHE C 131 -2.33 -1.40 14.13
C PHE C 131 -3.58 -1.46 13.31
N THR C 132 -4.60 -2.12 13.84
CA THR C 132 -5.95 -2.09 13.30
C THR C 132 -6.88 -1.55 14.36
N LEU C 133 -7.74 -0.62 13.98
CA LEU C 133 -8.66 0.06 14.88
C LEU C 133 -10.06 0.01 14.30
N GLN C 134 -11.04 -0.23 15.16
CA GLN C 134 -12.44 -0.11 14.79
C GLN C 134 -13.16 0.77 15.80
N VAL C 135 -14.12 1.56 15.33
CA VAL C 135 -15.01 2.30 16.20
C VAL C 135 -16.38 1.65 16.16
N ILE C 136 -16.89 1.26 17.33
CA ILE C 136 -18.18 0.61 17.46
C ILE C 136 -19.16 1.59 18.10
N GLU C 137 -20.28 1.84 17.42
CA GLU C 137 -21.33 2.67 18.00
C GLU C 137 -22.14 1.81 18.96
N LEU C 138 -22.16 2.20 20.23
CA LEU C 138 -22.50 1.27 21.29
C LEU C 138 -23.91 1.41 21.86
N PRO C 139 -24.93 1.65 21.05
CA PRO C 139 -26.20 1.01 21.36
C PRO C 139 -26.22 -0.40 20.79
N GLU C 140 -26.07 -0.53 19.48
CA GLU C 140 -26.33 -1.78 18.77
C GLU C 140 -25.09 -2.39 18.12
N GLU C 141 -23.89 -1.93 18.51
CA GLU C 141 -22.64 -2.58 18.11
C GLU C 141 -22.41 -2.51 16.60
N LYS C 142 -22.63 -1.33 16.03
CA LYS C 142 -22.37 -1.09 14.61
C LYS C 142 -21.00 -0.42 14.44
N VAL C 143 -20.16 -1.01 13.61
CA VAL C 143 -18.84 -0.45 13.31
C VAL C 143 -19.02 0.72 12.37
N VAL C 144 -18.77 1.94 12.85
CA VAL C 144 -18.92 3.12 12.00
C VAL C 144 -17.61 3.55 11.33
N TRP C 145 -16.46 3.15 11.86
CA TRP C 145 -15.19 3.45 11.21
C TRP C 145 -14.22 2.34 11.56
N SER C 146 -13.37 1.99 10.60
CA SER C 146 -12.28 1.06 10.82
C SER C 146 -11.05 1.58 10.09
N GLY C 147 -9.90 1.34 10.68
CA GLY C 147 -8.67 1.70 10.00
C GLY C 147 -7.58 0.68 10.24
N VAL C 148 -6.76 0.44 9.21
CA VAL C 148 -5.54 -0.33 9.35
C VAL C 148 -4.39 0.51 8.79
N ALA C 149 -3.29 0.57 9.53
CA ALA C 149 -2.14 1.33 9.11
C ALA C 149 -0.89 0.69 9.70
N GLY C 150 0.24 0.91 9.02
CA GLY C 150 1.52 0.38 9.42
C GLY C 150 2.66 1.15 8.80
N LYS C 151 3.82 1.09 9.47
CA LYS C 151 4.98 1.84 9.01
C LYS C 151 6.26 1.15 9.46
N SER C 152 7.26 1.17 8.58
CA SER C 152 8.62 0.81 8.94
C SER C 152 9.50 2.03 8.76
N GLY C 153 10.43 2.23 9.69
CA GLY C 153 11.26 3.42 9.70
C GLY C 153 12.73 3.11 9.51
N TRP C 154 13.53 4.16 9.66
CA TRP C 154 14.98 4.12 9.55
C TRP C 154 15.61 3.84 10.92
N SER C 155 16.91 3.51 10.90
CA SER C 155 17.57 2.95 12.08
C SER C 155 17.49 3.87 13.30
N ARG C 156 17.57 5.18 13.09
CA ARG C 156 17.65 6.11 14.21
C ARG C 156 16.30 6.41 14.83
N ASP C 157 15.22 5.88 14.27
CA ASP C 157 13.89 6.02 14.85
C ASP C 157 13.63 4.90 15.86
N ALA C 158 13.00 5.27 16.97
CA ALA C 158 12.53 4.29 17.92
C ALA C 158 11.20 3.70 17.45
N VAL C 159 10.95 2.45 17.83
CA VAL C 159 9.68 1.81 17.52
C VAL C 159 8.52 2.64 18.06
N SER C 160 8.66 3.13 19.31
CA SER C 160 7.58 3.91 19.91
C SER C 160 7.28 5.18 19.10
N ALA C 161 8.32 5.82 18.57
CA ALA C 161 8.07 7.00 17.74
C ALA C 161 7.36 6.61 16.43
N VAL C 162 7.71 5.45 15.87
CA VAL C 162 7.02 5.00 14.66
C VAL C 162 5.56 4.68 14.98
N ALA C 163 5.33 4.05 16.13
CA ALA C 163 3.97 3.72 16.55
C ALA C 163 3.12 4.96 16.72
N GLN C 164 3.67 5.99 17.37
CA GLN C 164 2.91 7.22 17.57
C GLN C 164 2.54 7.88 16.26
N GLN C 165 3.46 7.85 15.28
CA GLN C 165 3.13 8.41 13.97
C GLN C 165 1.97 7.65 13.33
N VAL C 166 1.96 6.32 13.46
CA VAL C 166 0.92 5.54 12.81
C VAL C 166 -0.41 5.76 13.52
N LEU C 167 -0.40 5.70 14.85
CA LEU C 167 -1.63 5.94 15.58
C LEU C 167 -2.14 7.37 15.35
N ASP C 168 -1.22 8.34 15.22
CA ASP C 168 -1.66 9.70 14.94
C ASP C 168 -2.26 9.82 13.55
N SER C 169 -1.77 9.06 12.59
CA SER C 169 -2.39 9.10 11.27
C SER C 169 -3.80 8.50 11.30
N LEU C 170 -3.97 7.39 12.01
CA LEU C 170 -5.29 6.78 12.12
C LEU C 170 -6.27 7.69 12.85
N ILE C 171 -5.83 8.29 13.96
CA ILE C 171 -6.74 9.09 14.76
C ILE C 171 -7.12 10.37 14.02
N GLY C 172 -6.15 11.03 13.39
CA GLY C 172 -6.44 12.20 12.59
C GLY C 172 -7.37 11.89 11.44
N ASP C 173 -7.25 10.70 10.85
CA ASP C 173 -8.19 10.29 9.82
C ASP C 173 -9.59 10.06 10.37
N LEU C 174 -9.70 9.27 11.45
CA LEU C 174 -10.97 9.11 12.12
C LEU C 174 -11.63 10.46 12.39
N GLU C 175 -10.84 11.44 12.84
CA GLU C 175 -11.39 12.75 13.12
C GLU C 175 -11.90 13.42 11.84
N LYS C 176 -11.17 13.28 10.74
CA LYS C 176 -11.63 13.93 9.51
C LYS C 176 -12.83 13.21 8.91
N ALA C 177 -12.92 11.90 9.12
CA ALA C 177 -14.08 11.13 8.65
C ALA C 177 -15.25 11.31 9.62
N ALA C 178 -15.53 12.53 10.04
CA ALA C 178 -16.71 12.78 10.87
C ALA C 178 -17.22 14.21 10.67
N SER D 12 -10.79 -11.04 20.45
CA SER D 12 -11.10 -11.19 19.03
C SER D 12 -10.37 -10.13 18.21
N GLY D 13 -9.08 -10.35 18.00
CA GLY D 13 -8.26 -9.36 17.35
C GLY D 13 -8.57 -9.25 15.86
N LEU D 14 -8.27 -8.07 15.32
CA LEU D 14 -8.43 -7.82 13.90
C LEU D 14 -7.06 -7.99 13.26
N VAL D 15 -6.93 -8.99 12.40
CA VAL D 15 -5.64 -9.27 11.78
C VAL D 15 -5.81 -9.25 10.26
N PRO D 16 -5.84 -8.08 9.64
CA PRO D 16 -5.96 -8.03 8.19
C PRO D 16 -4.75 -8.66 7.51
N ARG D 17 -4.99 -9.16 6.31
CA ARG D 17 -3.96 -9.64 5.41
C ARG D 17 -3.84 -8.64 4.27
N GLY D 18 -2.62 -8.49 3.74
CA GLY D 18 -2.43 -7.51 2.70
C GLY D 18 -1.24 -7.78 1.82
N SER D 19 -1.27 -7.12 0.66
CA SER D 19 -0.18 -7.19 -0.29
C SER D 19 -0.03 -5.83 -0.95
N HIS D 20 1.20 -5.54 -1.34
CA HIS D 20 1.55 -4.27 -1.94
C HIS D 20 2.67 -4.52 -2.93
N MET D 21 2.63 -3.81 -4.05
CA MET D 21 3.66 -3.86 -5.06
C MET D 21 3.78 -2.48 -5.69
N VAL D 22 5.01 -2.00 -5.84
CA VAL D 22 5.36 -0.79 -6.57
C VAL D 22 6.53 -1.10 -7.50
N THR D 23 6.42 -0.72 -8.76
CA THR D 23 7.47 -0.96 -9.74
C THR D 23 7.69 0.30 -10.56
N LEU D 24 8.86 0.38 -11.20
CA LEU D 24 9.26 1.58 -11.91
C LEU D 24 10.15 1.21 -13.09
N ARG D 25 9.75 1.64 -14.30
CA ARG D 25 10.55 1.51 -15.50
C ARG D 25 11.19 2.86 -15.80
N GLN D 26 12.51 2.88 -15.95
CA GLN D 26 13.23 4.14 -15.98
C GLN D 26 13.78 4.50 -17.35
N GLY D 27 14.34 3.54 -18.09
CA GLY D 27 14.79 3.80 -19.44
C GLY D 27 13.65 3.62 -20.44
N GLY D 28 14.02 3.80 -21.71
CA GLY D 28 13.13 3.49 -22.81
C GLY D 28 13.44 2.15 -23.44
N GLY D 29 12.82 1.90 -24.58
CA GLY D 29 13.14 0.73 -25.38
C GLY D 29 12.71 -0.60 -24.77
N THR D 30 12.79 -1.65 -25.58
CA THR D 30 12.33 -2.96 -25.16
C THR D 30 13.32 -3.60 -24.19
N VAL D 31 12.83 -4.62 -23.48
CA VAL D 31 13.64 -5.48 -22.65
C VAL D 31 13.17 -6.91 -22.93
N SER D 32 13.92 -7.63 -23.75
CA SER D 32 13.47 -8.93 -24.25
C SER D 32 13.85 -10.06 -23.31
N PHE D 33 12.89 -10.91 -22.98
CA PHE D 33 13.18 -12.10 -22.20
C PHE D 33 13.93 -13.17 -23.00
N THR D 34 14.08 -12.98 -24.32
CA THR D 34 14.91 -13.87 -25.12
C THR D 34 16.38 -13.50 -25.09
N ASP D 35 16.73 -12.32 -24.59
CA ASP D 35 18.12 -11.91 -24.51
C ASP D 35 18.83 -12.71 -23.41
N SER D 36 20.09 -12.38 -23.15
CA SER D 36 20.91 -13.14 -22.22
C SER D 36 20.78 -12.53 -20.82
N TRP D 37 20.42 -13.36 -19.86
CA TRP D 37 20.06 -12.89 -18.52
C TRP D 37 20.91 -13.59 -17.47
N ALA D 38 21.01 -12.93 -16.32
CA ALA D 38 21.70 -13.47 -15.15
C ALA D 38 20.85 -13.20 -13.91
N LEU D 39 20.71 -14.21 -13.06
CA LEU D 39 20.04 -14.06 -11.78
C LEU D 39 21.14 -14.14 -10.73
N LEU D 40 21.47 -12.99 -10.17
CA LEU D 40 22.48 -12.92 -9.13
C LEU D 40 21.98 -13.62 -7.87
N PRO D 41 22.90 -13.95 -6.96
CA PRO D 41 22.47 -14.37 -5.61
C PRO D 41 21.71 -13.26 -4.91
N PHE D 42 20.84 -13.66 -3.99
CA PHE D 42 19.99 -12.77 -3.24
C PHE D 42 20.65 -12.33 -1.96
N ILE D 43 20.37 -11.10 -1.55
CA ILE D 43 20.81 -10.63 -0.25
C ILE D 43 19.72 -10.96 0.76
N ASN D 44 20.11 -11.53 1.91
CA ASN D 44 19.15 -11.91 2.93
C ASN D 44 19.07 -10.79 3.95
N ASN D 45 17.93 -10.09 4.00
CA ASN D 45 17.70 -9.15 5.08
C ASN D 45 16.61 -9.65 6.03
N THR D 46 16.73 -10.90 6.47
CA THR D 46 15.78 -11.50 7.40
C THR D 46 16.54 -12.21 8.50
N GLU D 47 15.81 -12.67 9.50
CA GLU D 47 16.36 -13.54 10.52
C GLU D 47 16.16 -15.01 10.18
N THR D 48 15.83 -15.30 8.92
CA THR D 48 15.56 -16.66 8.47
C THR D 48 16.75 -17.20 7.67
N PRO D 49 17.47 -18.19 8.19
CA PRO D 49 18.62 -18.71 7.45
C PRO D 49 18.19 -19.34 6.12
N TYR D 50 18.97 -19.06 5.08
CA TYR D 50 18.77 -19.57 3.73
C TYR D 50 17.55 -18.96 3.04
N ALA D 51 17.02 -17.85 3.57
CA ALA D 51 15.94 -17.16 2.87
C ALA D 51 16.36 -16.75 1.47
N ALA D 52 17.60 -16.30 1.32
CA ALA D 52 18.06 -15.85 -0.01
C ALA D 52 18.22 -17.03 -0.97
N GLU D 53 18.72 -18.17 -0.48
CA GLU D 53 18.84 -19.33 -1.37
C GLU D 53 17.47 -19.80 -1.82
N ARG D 54 16.51 -19.93 -0.89
CA ARG D 54 15.17 -20.29 -1.28
C ARG D 54 14.58 -19.29 -2.26
N ALA D 55 14.82 -17.99 -2.04
CA ALA D 55 14.26 -16.97 -2.92
C ALA D 55 14.86 -17.06 -4.32
N GLU D 56 16.17 -17.28 -4.40
CA GLU D 56 16.80 -17.41 -5.70
C GLU D 56 16.24 -18.60 -6.46
N ALA D 57 15.99 -19.70 -5.75
CA ALA D 57 15.51 -20.91 -6.41
C ALA D 57 14.10 -20.71 -6.93
N VAL D 58 13.20 -20.18 -6.08
CA VAL D 58 11.86 -19.84 -6.53
C VAL D 58 11.92 -18.89 -7.71
N THR D 59 12.76 -17.85 -7.61
CA THR D 59 12.85 -16.87 -8.69
C THR D 59 13.31 -17.52 -9.98
N ALA D 60 14.31 -18.41 -9.90
CA ALA D 60 14.81 -19.11 -11.07
C ALA D 60 13.70 -19.91 -11.76
N ALA D 61 12.93 -20.67 -10.98
CA ALA D 61 11.84 -21.46 -11.57
C ALA D 61 10.80 -20.57 -12.24
N LEU D 62 10.49 -19.41 -11.64
CA LEU D 62 9.46 -18.54 -12.22
C LEU D 62 9.93 -17.90 -13.52
N LEU D 63 11.20 -17.50 -13.60
CA LEU D 63 11.71 -16.89 -14.82
C LEU D 63 11.66 -17.89 -15.98
N HIS D 64 11.95 -19.16 -15.72
CA HIS D 64 11.79 -20.18 -16.74
C HIS D 64 10.34 -20.24 -17.22
N THR D 65 9.40 -20.23 -16.28
CA THR D 65 7.99 -20.29 -16.65
C THR D 65 7.59 -19.09 -17.50
N HIS D 66 8.14 -17.93 -17.20
CA HIS D 66 7.84 -16.75 -18.00
C HIS D 66 8.66 -16.67 -19.28
N GLY D 67 9.42 -17.70 -19.61
CA GLY D 67 10.06 -17.74 -20.91
C GLY D 67 11.44 -17.14 -20.97
N MET D 68 12.09 -16.90 -19.83
CA MET D 68 13.47 -16.43 -19.83
C MET D 68 14.36 -17.66 -19.89
N GLN D 69 14.66 -18.11 -21.10
CA GLN D 69 15.31 -19.40 -21.30
C GLN D 69 16.82 -19.33 -21.10
N LYS D 70 17.45 -18.23 -21.46
CA LYS D 70 18.89 -18.04 -21.27
C LYS D 70 19.06 -17.29 -19.96
N LEU D 71 19.37 -18.02 -18.90
CA LEU D 71 19.40 -17.47 -17.55
C LEU D 71 20.63 -18.02 -16.84
N GLU D 72 21.68 -17.22 -16.80
CA GLU D 72 22.87 -17.56 -16.05
C GLU D 72 22.61 -17.47 -14.55
N ARG D 73 23.07 -18.47 -13.83
CA ARG D 73 23.16 -18.45 -12.37
C ARG D 73 24.60 -18.81 -12.03
N THR D 74 25.09 -18.44 -10.86
CA THR D 74 26.47 -18.77 -10.50
C THR D 74 26.56 -19.21 -9.04
N VAL D 75 27.76 -19.71 -8.69
CA VAL D 75 28.11 -20.54 -7.54
C VAL D 75 27.37 -21.87 -7.62
N ASP D 88 22.34 -8.46 6.50
CA ASP D 88 22.83 -9.81 6.76
C ASP D 88 23.53 -10.40 5.53
N ARG D 89 23.63 -11.73 5.49
CA ARG D 89 24.57 -12.38 4.60
C ARG D 89 24.24 -12.15 3.12
N GLY D 90 25.27 -12.25 2.29
CA GLY D 90 25.12 -12.32 0.85
C GLY D 90 25.62 -11.12 0.08
N GLU D 91 25.99 -10.03 0.76
CA GLU D 91 26.27 -8.81 0.02
C GLU D 91 27.53 -8.94 -0.83
N LEU D 92 28.55 -9.66 -0.35
CA LEU D 92 29.76 -9.84 -1.16
C LEU D 92 29.48 -10.74 -2.35
N LYS D 93 28.81 -11.87 -2.11
CA LYS D 93 28.48 -12.79 -3.20
C LYS D 93 27.76 -12.10 -4.36
N GLN D 94 26.81 -11.21 -4.07
CA GLN D 94 26.08 -10.56 -5.15
C GLN D 94 26.98 -9.61 -5.94
N LYS D 95 27.82 -8.83 -5.24
CA LYS D 95 28.82 -8.01 -5.92
C LYS D 95 29.71 -8.84 -6.82
N ALA D 96 30.13 -10.02 -6.35
CA ALA D 96 31.00 -10.87 -7.14
C ALA D 96 30.30 -11.33 -8.42
N ALA D 97 28.99 -11.61 -8.32
CA ALA D 97 28.30 -12.27 -9.43
C ALA D 97 27.89 -11.31 -10.55
N LEU D 98 27.75 -10.01 -10.27
CA LEU D 98 27.46 -9.09 -11.37
C LEU D 98 28.68 -8.81 -12.23
N GLU D 99 29.88 -8.78 -11.64
CA GLU D 99 31.09 -8.69 -12.47
C GLU D 99 31.27 -9.97 -13.28
N ALA D 100 31.12 -11.13 -12.62
CA ALA D 100 31.07 -12.40 -13.34
C ALA D 100 30.06 -12.37 -14.47
N ALA D 101 28.94 -11.67 -14.26
CA ALA D 101 27.93 -11.55 -15.31
C ALA D 101 28.43 -10.65 -16.44
N LYS D 102 28.98 -9.48 -16.08
CA LYS D 102 29.50 -8.56 -17.09
C LYS D 102 30.61 -9.21 -17.91
N GLN D 103 31.52 -9.93 -17.25
CA GLN D 103 32.60 -10.58 -17.98
C GLN D 103 32.10 -11.72 -18.86
N LYS D 104 30.91 -12.22 -18.59
CA LYS D 104 30.30 -13.28 -19.39
C LYS D 104 29.46 -12.74 -20.53
N LYS D 105 29.26 -11.43 -20.58
CA LYS D 105 28.51 -10.74 -21.63
C LYS D 105 27.00 -10.99 -21.57
N VAL D 106 26.44 -11.24 -20.38
CA VAL D 106 24.99 -11.23 -20.26
C VAL D 106 24.49 -9.79 -20.30
N ARG D 107 23.31 -9.58 -20.89
CA ARG D 107 22.82 -8.22 -21.06
C ARG D 107 22.14 -7.68 -19.81
N TYR D 108 21.37 -8.50 -19.10
CA TYR D 108 20.61 -8.04 -17.94
C TYR D 108 20.86 -8.93 -16.73
N ALA D 109 21.19 -8.32 -15.60
CA ALA D 109 21.34 -9.00 -14.33
C ALA D 109 20.18 -8.62 -13.40
N ILE D 110 19.68 -9.60 -12.65
CA ILE D 110 18.62 -9.39 -11.68
C ILE D 110 19.25 -9.46 -10.30
N ALA D 111 19.22 -8.34 -9.59
CA ALA D 111 19.74 -8.25 -8.23
C ALA D 111 18.55 -8.19 -7.28
N GLY D 112 18.46 -9.17 -6.39
CA GLY D 112 17.31 -9.30 -5.51
C GLY D 112 17.72 -9.27 -4.05
N THR D 113 16.82 -8.77 -3.21
CA THR D 113 16.98 -8.74 -1.77
C THR D 113 15.73 -9.33 -1.11
N VAL D 114 15.93 -10.18 -0.11
CA VAL D 114 14.82 -10.70 0.68
C VAL D 114 14.58 -9.75 1.84
N ASN D 115 13.45 -9.05 1.81
CA ASN D 115 13.08 -8.15 2.89
C ASN D 115 12.27 -8.82 3.97
N GLU D 116 11.60 -9.92 3.66
CA GLU D 116 10.84 -10.63 4.69
C GLU D 116 10.63 -12.07 4.25
N TRP D 117 10.69 -12.97 5.23
CA TRP D 117 10.51 -14.40 5.00
C TRP D 117 10.34 -15.06 6.36
N ARG D 118 9.10 -15.14 6.86
CA ARG D 118 8.89 -15.76 8.14
C ARG D 118 7.42 -16.15 8.32
N TYR D 119 7.19 -17.14 9.17
CA TYR D 119 5.86 -17.57 9.56
C TYR D 119 5.57 -16.91 10.91
N LYS D 120 4.92 -15.76 10.85
CA LYS D 120 4.64 -14.97 12.04
C LYS D 120 3.49 -15.61 12.84
N VAL D 121 3.77 -16.02 14.06
CA VAL D 121 2.81 -16.73 14.90
C VAL D 121 2.29 -15.78 15.96
N GLY D 122 0.98 -15.54 15.93
CA GLY D 122 0.33 -14.66 16.89
C GLY D 122 -1.02 -15.23 17.27
N LEU D 123 -2.09 -14.47 17.03
CA LEU D 123 -3.43 -15.02 17.23
C LEU D 123 -3.69 -16.19 16.30
N ASP D 124 -3.14 -16.15 15.09
CA ASP D 124 -3.09 -17.29 14.19
C ASP D 124 -1.76 -17.21 13.43
N GLY D 125 -1.65 -17.87 12.30
CA GLY D 125 -0.42 -17.85 11.52
C GLY D 125 -0.55 -16.89 10.33
N GLU D 126 0.42 -15.99 10.23
CA GLU D 126 0.52 -15.20 9.01
C GLU D 126 1.89 -15.41 8.39
N PRO D 127 1.99 -16.16 7.30
CA PRO D 127 3.22 -16.19 6.53
C PRO D 127 3.43 -14.85 5.83
N VAL D 128 4.67 -14.38 5.83
CA VAL D 128 5.02 -13.07 5.29
C VAL D 128 6.26 -13.21 4.43
N ALA D 129 6.25 -12.58 3.26
CA ALA D 129 7.41 -12.56 2.37
C ALA D 129 7.41 -11.24 1.61
N GLY D 130 8.60 -10.74 1.34
CA GLY D 130 8.74 -9.48 0.62
C GLY D 130 10.09 -9.41 -0.04
N PHE D 131 10.16 -8.67 -1.15
CA PHE D 131 11.39 -8.67 -1.94
C PHE D 131 11.55 -7.34 -2.65
N THR D 132 12.80 -7.00 -2.94
CA THR D 132 13.14 -5.87 -3.78
C THR D 132 14.03 -6.40 -4.90
N LEU D 133 13.62 -6.15 -6.14
CA LEU D 133 14.35 -6.61 -7.31
C LEU D 133 14.77 -5.41 -8.15
N GLN D 134 15.95 -5.52 -8.74
CA GLN D 134 16.47 -4.55 -9.69
C GLN D 134 17.00 -5.28 -10.91
N VAL D 135 16.64 -4.80 -12.10
CA VAL D 135 17.20 -5.31 -13.35
C VAL D 135 18.25 -4.30 -13.79
N ILE D 136 19.47 -4.80 -14.02
CA ILE D 136 20.64 -3.97 -14.33
C ILE D 136 21.07 -4.29 -15.75
N GLU D 137 21.11 -3.28 -16.61
CA GLU D 137 21.51 -3.51 -17.99
C GLU D 137 23.03 -3.43 -18.12
N LEU D 138 23.61 -4.45 -18.75
CA LEU D 138 25.06 -4.52 -18.93
C LEU D 138 25.47 -4.15 -20.36
N PRO D 139 26.65 -3.53 -20.50
CA PRO D 139 27.61 -3.25 -19.44
C PRO D 139 27.43 -1.89 -18.73
N GLU D 140 26.54 -1.03 -19.25
CA GLU D 140 26.40 0.31 -18.70
C GLU D 140 26.04 0.30 -17.22
N GLU D 141 25.37 -0.75 -16.74
CA GLU D 141 24.95 -0.90 -15.34
C GLU D 141 23.84 0.08 -14.96
N LYS D 142 22.97 0.44 -15.91
CA LYS D 142 21.82 1.28 -15.61
C LYS D 142 20.66 0.41 -15.15
N VAL D 143 20.02 0.82 -14.06
CA VAL D 143 18.81 0.15 -13.58
C VAL D 143 17.69 0.45 -14.59
N VAL D 144 17.22 -0.59 -15.26
CA VAL D 144 16.21 -0.47 -16.31
C VAL D 144 14.81 -0.74 -15.76
N TRP D 145 14.70 -1.39 -14.60
CA TRP D 145 13.44 -1.70 -13.95
C TRP D 145 13.76 -2.04 -12.50
N SER D 146 12.88 -1.64 -11.58
CA SER D 146 12.99 -2.13 -10.22
C SER D 146 11.60 -2.34 -9.65
N GLY D 147 11.54 -3.13 -8.59
CA GLY D 147 10.27 -3.43 -7.96
C GLY D 147 10.40 -3.82 -6.51
N VAL D 148 9.45 -3.36 -5.69
CA VAL D 148 9.30 -3.80 -4.31
C VAL D 148 7.88 -4.33 -4.12
N ALA D 149 7.75 -5.44 -3.41
CA ALA D 149 6.46 -6.08 -3.19
C ALA D 149 6.54 -6.92 -1.94
N GLY D 150 5.38 -7.14 -1.33
CA GLY D 150 5.27 -7.96 -0.14
C GLY D 150 3.84 -8.37 0.09
N LYS D 151 3.68 -9.42 0.89
CA LYS D 151 2.37 -10.00 1.11
C LYS D 151 2.40 -10.77 2.41
N SER D 152 1.32 -10.68 3.17
CA SER D 152 1.10 -11.55 4.30
C SER D 152 -0.14 -12.38 3.98
N GLY D 153 -0.11 -13.66 4.30
CA GLY D 153 -1.23 -14.49 3.92
C GLY D 153 -1.89 -15.14 5.11
N TRP D 154 -2.71 -16.15 4.85
CA TRP D 154 -3.48 -16.81 5.89
C TRP D 154 -2.77 -18.05 6.41
N SER D 155 -3.32 -18.61 7.49
CA SER D 155 -2.61 -19.62 8.27
C SER D 155 -2.24 -20.84 7.45
N ARG D 156 -3.12 -21.26 6.54
CA ARG D 156 -2.88 -22.50 5.80
C ARG D 156 -1.71 -22.36 4.83
N ASP D 157 -1.43 -21.15 4.34
CA ASP D 157 -0.35 -20.96 3.39
C ASP D 157 1.01 -21.08 4.05
N ALA D 158 1.93 -21.74 3.36
CA ALA D 158 3.33 -21.74 3.75
C ALA D 158 4.01 -20.45 3.29
N VAL D 159 5.13 -20.11 3.95
CA VAL D 159 5.87 -18.90 3.57
C VAL D 159 6.29 -18.98 2.11
N SER D 160 6.74 -20.15 1.65
CA SER D 160 7.26 -20.26 0.29
C SER D 160 6.16 -20.08 -0.75
N ALA D 161 4.94 -20.48 -0.43
CA ALA D 161 3.84 -20.23 -1.36
C ALA D 161 3.52 -18.75 -1.46
N VAL D 162 3.54 -18.05 -0.32
CA VAL D 162 3.37 -16.60 -0.35
C VAL D 162 4.51 -15.98 -1.16
N ALA D 163 5.75 -16.40 -0.85
CA ALA D 163 6.92 -15.88 -1.56
C ALA D 163 6.78 -16.07 -3.06
N GLN D 164 6.38 -17.27 -3.49
CA GLN D 164 6.19 -17.53 -4.91
C GLN D 164 5.18 -16.58 -5.52
N GLN D 165 4.08 -16.29 -4.81
CA GLN D 165 3.10 -15.35 -5.32
C GLN D 165 3.73 -13.98 -5.50
N VAL D 166 4.40 -13.48 -4.44
CA VAL D 166 5.01 -12.16 -4.55
C VAL D 166 6.01 -12.14 -5.69
N LEU D 167 6.86 -13.16 -5.77
CA LEU D 167 7.87 -13.15 -6.82
C LEU D 167 7.21 -13.22 -8.19
N ASP D 168 6.09 -13.94 -8.28
CA ASP D 168 5.43 -14.08 -9.58
C ASP D 168 4.81 -12.76 -10.03
N SER D 169 4.22 -12.00 -9.09
CA SER D 169 3.69 -10.68 -9.43
C SER D 169 4.80 -9.75 -9.90
N LEU D 170 5.93 -9.76 -9.21
CA LEU D 170 7.05 -8.93 -9.63
C LEU D 170 7.52 -9.33 -11.02
N ILE D 171 7.78 -10.62 -11.22
CA ILE D 171 8.28 -11.07 -12.52
C ILE D 171 7.23 -10.81 -13.58
N GLY D 172 5.95 -11.00 -13.23
CA GLY D 172 4.89 -10.68 -14.17
C GLY D 172 4.84 -9.22 -14.55
N ASP D 173 5.12 -8.32 -13.59
CA ASP D 173 5.14 -6.89 -13.91
C ASP D 173 6.34 -6.55 -14.79
N LEU D 174 7.51 -7.08 -14.45
CA LEU D 174 8.69 -6.87 -15.26
C LEU D 174 8.45 -7.30 -16.70
N GLU D 175 7.83 -8.46 -16.90
CA GLU D 175 7.55 -8.93 -18.25
C GLU D 175 6.76 -7.90 -19.03
N LYS D 176 5.74 -7.30 -18.39
CA LYS D 176 4.99 -6.23 -19.03
C LYS D 176 5.89 -5.00 -19.22
N ALA D 177 6.94 -5.18 -20.04
CA ALA D 177 7.82 -4.10 -20.48
C ALA D 177 8.48 -4.52 -21.78
N ALA D 178 7.65 -4.85 -22.78
CA ALA D 178 8.11 -5.24 -24.11
C ALA D 178 9.14 -6.37 -24.08
#